data_2JET
#
_entry.id   2JET
#
_cell.length_a   34.690
_cell.length_b   64.351
_cell.length_c   44.224
_cell.angle_alpha   90.00
_cell.angle_beta   102.09
_cell.angle_gamma   90.00
#
_symmetry.space_group_name_H-M   'P 1 21 1'
#
loop_
_entity.id
_entity.type
_entity.pdbx_description
1 polymer 'CHYMOTRYPSINOGEN B CHAIN A'
2 polymer 'CHYMOTRYPSINOGEN B CHAIN B'
3 polymer 'CHYMOTRYPSINOGEN B CHAIN C'
4 water water
#
loop_
_entity_poly.entity_id
_entity_poly.type
_entity_poly.pdbx_seq_one_letter_code
_entity_poly.pdbx_strand_id
1 'polypeptide(L)' MSTQACGVPTIQPVL A
2 'polypeptide(L)'
;GEDAIPGSWPWQVSLQDKTGFHFCGGSLISEDWVVTAAHCGVKTSDVVVAGEFDQGSDEENIQVLKIAQVFKNPKFNMFT
VRNDITLLKLATPAQFSETVSAVCLPNVDDDFPPGTVCATTGWGKTKY
;
B
3 'polypeptide(L)'
;NALKTPEKLQQAALPIVSEADCKKSWGSKITDVMTCAGASGVDSCMGDSGGPLVCQKDGVWTLAGIVSWGSGVCSTSTPG
VYSRVTALMPWVQQILEAN
;
C
#
# COMPACT_ATOMS: atom_id res chain seq x y z
N GLN A 4 -11.01 13.67 -6.21
CA GLN A 4 -11.71 13.79 -7.52
C GLN A 4 -10.70 13.94 -8.65
N ALA A 5 -9.98 12.84 -8.90
CA ALA A 5 -8.93 12.79 -9.92
C ALA A 5 -8.39 11.36 -9.99
N CYS A 6 -7.94 10.87 -8.84
CA CYS A 6 -7.40 9.51 -8.67
C CYS A 6 -6.14 9.24 -9.50
N GLY A 7 -5.06 8.86 -8.81
CA GLY A 7 -3.81 8.47 -9.45
C GLY A 7 -3.16 9.55 -10.32
N VAL A 8 -3.47 10.80 -10.01
CA VAL A 8 -2.91 11.94 -10.74
C VAL A 8 -2.50 13.01 -9.72
N PRO A 9 -1.32 12.86 -9.12
CA PRO A 9 -0.82 13.85 -8.17
C PRO A 9 -0.61 15.23 -8.79
N THR A 10 -0.80 16.27 -7.99
CA THR A 10 -0.51 17.64 -8.43
C THR A 10 0.99 17.91 -8.39
N ILE A 11 1.74 17.03 -7.72
CA ILE A 11 3.20 17.03 -7.77
C ILE A 11 3.66 15.69 -8.34
N GLN A 12 4.18 15.69 -9.56
CA GLN A 12 4.50 14.46 -10.26
C GLN A 12 5.69 13.71 -9.63
N PRO A 13 5.58 12.37 -9.51
CA PRO A 13 6.68 11.56 -9.01
C PRO A 13 7.81 11.39 -10.01
N VAL A 14 9.05 11.62 -9.54
CA VAL A 14 10.24 11.44 -10.34
C VAL A 14 11.06 10.27 -9.79
N LEU A 15 10.94 9.11 -10.44
CA LEU A 15 11.67 7.91 -10.03
C LEU A 15 13.08 7.92 -10.61
N GLY B 1 16.67 2.33 -3.75
CA GLY B 1 15.77 3.26 -3.02
C GLY B 1 16.27 4.68 -3.02
N GLU B 2 15.34 5.63 -2.89
CA GLU B 2 15.68 7.06 -2.87
C GLU B 2 14.56 7.88 -2.22
N ASP B 3 14.87 9.15 -1.94
CA ASP B 3 13.90 10.06 -1.34
C ASP B 3 12.89 10.51 -2.39
N ALA B 4 11.61 10.43 -2.06
CA ALA B 4 10.54 10.92 -2.93
C ALA B 4 10.47 12.44 -2.83
N ILE B 5 9.85 13.07 -3.84
CA ILE B 5 9.64 14.51 -3.82
C ILE B 5 8.50 14.82 -2.82
N PRO B 6 8.64 15.88 -2.01
CA PRO B 6 7.58 16.25 -1.07
C PRO B 6 6.19 16.37 -1.70
N GLY B 7 5.23 15.62 -1.17
CA GLY B 7 3.86 15.62 -1.67
C GLY B 7 3.67 14.90 -3.00
N SER B 8 4.61 14.03 -3.35
CA SER B 8 4.62 13.37 -4.65
C SER B 8 3.68 12.17 -4.73
N TRP B 9 3.50 11.48 -3.60
CA TRP B 9 2.58 10.35 -3.50
C TRP B 9 1.48 10.72 -2.51
N PRO B 10 0.53 11.57 -2.94
CA PRO B 10 -0.43 12.22 -2.04
C PRO B 10 -1.46 11.28 -1.41
N TRP B 11 -1.55 10.05 -1.90
CA TRP B 11 -2.40 9.03 -1.30
C TRP B 11 -1.70 8.25 -0.18
N GLN B 12 -0.37 8.33 -0.14
CA GLN B 12 0.42 7.67 0.91
C GLN B 12 0.06 8.23 2.28
N VAL B 13 -0.40 7.35 3.16
CA VAL B 13 -0.70 7.73 4.55
C VAL B 13 0.02 6.81 5.52
N SER B 14 0.22 7.31 6.74
CA SER B 14 0.82 6.54 7.83
C SER B 14 -0.27 6.13 8.81
N LEU B 15 -0.16 4.91 9.33
CA LEU B 15 -1.07 4.41 10.35
C LEU B 15 -0.36 4.44 11.70
N GLN B 16 -0.76 5.37 12.56
CA GLN B 16 -0.22 5.47 13.91
C GLN B 16 -1.22 4.93 14.92
N ASP B 17 -0.74 4.19 15.91
CA ASP B 17 -1.59 3.68 17.00
C ASP B 17 -1.95 4.80 17.98
N LYS B 18 -2.67 4.47 19.04
CA LYS B 18 -3.05 5.46 20.06
C LYS B 18 -1.84 6.22 20.63
N THR B 19 -0.69 5.54 20.74
CA THR B 19 0.52 6.14 21.29
C THR B 19 1.27 7.02 20.27
N GLY B 20 0.83 7.00 19.02
CA GLY B 20 1.41 7.86 17.98
C GLY B 20 2.66 7.30 17.33
N PHE B 21 2.80 5.98 17.34
CA PHE B 21 3.95 5.31 16.72
C PHE B 21 3.53 4.64 15.41
N HIS B 22 4.25 4.99 14.33
CA HIS B 22 3.98 4.46 13.00
C HIS B 22 4.22 2.95 12.95
N PHE B 23 3.13 2.20 12.75
CA PHE B 23 3.21 0.73 12.68
C PHE B 23 2.90 0.16 11.29
N CYS B 24 2.10 0.87 10.51
CA CYS B 24 1.73 0.43 9.15
C CYS B 24 1.50 1.60 8.20
N GLY B 25 1.48 1.29 6.90
CA GLY B 25 1.18 2.27 5.85
C GLY B 25 -0.22 2.11 5.31
N GLY B 26 -0.62 3.04 4.44
CA GLY B 26 -1.96 3.01 3.85
C GLY B 26 -2.06 3.81 2.57
N SER B 27 -3.17 3.63 1.86
CA SER B 27 -3.41 4.32 0.59
C SER B 27 -4.81 4.92 0.56
N LEU B 28 -4.88 6.25 0.39
CA LEU B 28 -6.15 6.93 0.17
C LEU B 28 -6.76 6.54 -1.17
N ILE B 29 -7.92 5.90 -1.12
CA ILE B 29 -8.71 5.60 -2.32
C ILE B 29 -9.86 6.60 -2.50
N SER B 30 -10.15 7.36 -1.44
CA SER B 30 -11.16 8.41 -1.47
C SER B 30 -10.96 9.38 -0.31
N GLU B 31 -11.86 10.35 -0.17
CA GLU B 31 -11.80 11.33 0.90
C GLU B 31 -12.01 10.72 2.29
N ASP B 32 -12.77 9.63 2.34
CA ASP B 32 -13.09 8.96 3.61
C ASP B 32 -12.73 7.47 3.67
N TRP B 33 -12.03 6.98 2.65
CA TRP B 33 -11.63 5.57 2.60
C TRP B 33 -10.11 5.41 2.47
N VAL B 34 -9.55 4.56 3.33
CA VAL B 34 -8.13 4.19 3.25
C VAL B 34 -8.03 2.67 3.16
N VAL B 35 -7.18 2.18 2.26
CA VAL B 35 -6.95 0.74 2.12
C VAL B 35 -5.58 0.36 2.69
N THR B 36 -5.53 -0.74 3.42
CA THR B 36 -4.31 -1.22 4.07
C THR B 36 -4.34 -2.74 4.19
N ALA B 37 -3.38 -3.31 4.90
CA ALA B 37 -3.29 -4.77 5.08
C ALA B 37 -4.05 -5.23 6.31
N ALA B 38 -4.49 -6.48 6.30
CA ALA B 38 -5.21 -7.08 7.42
C ALA B 38 -4.28 -7.46 8.57
N HIS B 39 -3.06 -7.87 8.24
CA HIS B 39 -2.07 -8.27 9.25
C HIS B 39 -1.58 -7.10 10.11
N CYS B 40 -1.83 -5.88 9.65
CA CYS B 40 -1.59 -4.67 10.44
C CYS B 40 -2.43 -4.68 11.73
N GLY B 41 -3.63 -5.24 11.65
CA GLY B 41 -4.53 -5.32 12.81
C GLY B 41 -5.01 -3.94 13.23
N VAL B 42 -5.52 -3.18 12.26
CA VAL B 42 -5.92 -1.80 12.49
C VAL B 42 -7.16 -1.75 13.39
N LYS B 43 -7.14 -0.80 14.33
CA LYS B 43 -8.21 -0.63 15.30
C LYS B 43 -8.88 0.72 15.10
N THR B 44 -10.01 0.92 15.78
CA THR B 44 -10.71 2.20 15.78
C THR B 44 -9.92 3.26 16.54
N SER B 45 -9.07 2.82 17.47
CA SER B 45 -8.24 3.71 18.26
C SER B 45 -7.05 4.27 17.46
N ASP B 46 -6.68 3.60 16.37
CA ASP B 46 -5.58 4.05 15.51
C ASP B 46 -6.00 5.27 14.68
N VAL B 47 -5.01 6.03 14.22
CA VAL B 47 -5.27 7.22 13.42
C VAL B 47 -4.54 7.16 12.07
N VAL B 48 -5.12 7.82 11.07
CA VAL B 48 -4.52 7.92 9.75
C VAL B 48 -3.90 9.31 9.57
N VAL B 49 -2.63 9.34 9.17
CA VAL B 49 -1.91 10.60 8.96
C VAL B 49 -1.63 10.79 7.48
N ALA B 50 -2.13 11.88 6.91
CA ALA B 50 -1.97 12.20 5.49
C ALA B 50 -1.15 13.47 5.31
N GLY B 51 -0.67 13.68 4.09
CA GLY B 51 0.13 14.85 3.74
C GLY B 51 1.50 14.88 4.42
N GLU B 52 2.05 13.69 4.67
CA GLU B 52 3.33 13.55 5.36
C GLU B 52 4.45 13.29 4.36
N PHE B 53 5.59 13.94 4.57
CA PHE B 53 6.81 13.64 3.82
C PHE B 53 7.92 13.25 4.79
N ASP B 54 8.34 14.20 5.61
CA ASP B 54 9.36 13.96 6.63
C ASP B 54 8.68 13.44 7.89
N GLN B 55 8.84 12.14 8.15
CA GLN B 55 8.27 11.50 9.34
C GLN B 55 8.82 12.11 10.63
N GLY B 56 10.09 12.49 10.61
CA GLY B 56 10.75 13.09 11.77
C GLY B 56 10.29 14.53 11.99
N GLU B 60 5.00 19.90 7.92
CA GLU B 60 4.20 20.34 6.78
C GLU B 60 2.70 20.25 7.10
N ASN B 61 1.87 20.65 6.14
CA ASN B 61 0.40 20.61 6.31
C ASN B 61 -0.15 19.18 6.38
N ILE B 62 0.08 18.51 7.52
CA ILE B 62 -0.39 17.15 7.73
C ILE B 62 -1.80 17.13 8.30
N GLN B 63 -2.50 16.02 8.09
CA GLN B 63 -3.87 15.84 8.58
C GLN B 63 -3.99 14.55 9.38
N VAL B 64 -4.14 14.68 10.69
CA VAL B 64 -4.37 13.54 11.56
C VAL B 64 -5.86 13.19 11.55
N LEU B 65 -6.21 12.12 10.82
CA LEU B 65 -7.61 11.74 10.63
C LEU B 65 -7.99 10.55 11.50
N LYS B 66 -9.17 10.61 12.09
CA LYS B 66 -9.65 9.57 12.99
C LYS B 66 -10.34 8.46 12.19
N ILE B 67 -10.26 7.23 12.71
CA ILE B 67 -10.87 6.08 12.07
C ILE B 67 -12.20 5.75 12.75
N ALA B 68 -13.26 5.63 11.95
CA ALA B 68 -14.60 5.38 12.45
C ALA B 68 -14.97 3.89 12.35
N GLN B 69 -14.76 3.33 11.15
CA GLN B 69 -15.12 1.93 10.88
C GLN B 69 -13.92 1.17 10.31
N VAL B 70 -13.75 -0.07 10.75
CA VAL B 70 -12.67 -0.94 10.28
C VAL B 70 -13.24 -2.19 9.62
N PHE B 71 -13.12 -2.27 8.30
CA PHE B 71 -13.59 -3.44 7.54
C PHE B 71 -12.42 -4.37 7.25
N LYS B 72 -12.22 -5.34 8.14
CA LYS B 72 -11.20 -6.36 7.95
C LYS B 72 -11.77 -7.50 7.11
N ASN B 73 -11.00 -7.96 6.13
CA ASN B 73 -11.42 -9.09 5.30
C ASN B 73 -11.62 -10.32 6.19
N PRO B 74 -12.84 -10.91 6.16
CA PRO B 74 -13.15 -12.05 7.03
C PRO B 74 -12.49 -13.36 6.65
N LYS B 75 -11.78 -13.40 5.52
CA LYS B 75 -11.09 -14.59 5.04
C LYS B 75 -9.61 -14.60 5.45
N PHE B 76 -9.19 -13.61 6.24
CA PHE B 76 -7.79 -13.47 6.61
C PHE B 76 -7.41 -14.32 7.82
N ASN B 77 -6.51 -15.29 7.60
CA ASN B 77 -5.90 -16.05 8.67
C ASN B 77 -4.41 -15.70 8.77
N MET B 78 -3.89 -15.60 9.98
CA MET B 78 -2.48 -15.27 10.20
C MET B 78 -1.54 -16.42 9.85
N PHE B 79 -2.06 -17.64 9.79
CA PHE B 79 -1.26 -18.81 9.44
C PHE B 79 -0.84 -18.79 7.98
N THR B 80 -1.81 -18.76 7.08
CA THR B 80 -1.56 -18.76 5.64
C THR B 80 -1.28 -17.35 5.10
N VAL B 81 -1.88 -16.34 5.73
CA VAL B 81 -1.75 -14.94 5.32
C VAL B 81 -2.30 -14.72 3.91
N ARG B 82 -3.51 -15.24 3.68
CA ARG B 82 -4.23 -15.04 2.42
C ARG B 82 -5.37 -14.06 2.64
N ASN B 83 -5.73 -13.33 1.57
CA ASN B 83 -6.75 -12.27 1.64
C ASN B 83 -6.37 -11.19 2.66
N ASP B 84 -5.13 -10.74 2.59
CA ASP B 84 -4.58 -9.77 3.53
C ASP B 84 -4.91 -8.34 3.09
N ILE B 85 -6.11 -7.88 3.46
CA ILE B 85 -6.58 -6.55 3.10
C ILE B 85 -7.57 -5.99 4.14
N THR B 86 -7.51 -4.68 4.35
CA THR B 86 -8.42 -4.00 5.27
C THR B 86 -8.77 -2.61 4.74
N LEU B 87 -10.05 -2.26 4.79
CA LEU B 87 -10.53 -0.95 4.35
C LEU B 87 -11.01 -0.14 5.56
N LEU B 88 -10.51 1.09 5.68
CA LEU B 88 -10.78 1.94 6.83
C LEU B 88 -11.63 3.14 6.44
N LYS B 89 -12.82 3.25 7.03
CA LYS B 89 -13.69 4.41 6.86
C LYS B 89 -13.31 5.47 7.89
N LEU B 90 -12.91 6.65 7.41
CA LEU B 90 -12.49 7.73 8.29
C LEU B 90 -13.69 8.44 8.89
N ALA B 91 -13.55 8.88 10.14
CA ALA B 91 -14.61 9.63 10.83
C ALA B 91 -14.74 11.01 10.22
N THR B 92 -13.62 11.73 10.15
CA THR B 92 -13.56 13.02 9.46
C THR B 92 -12.87 12.82 8.11
N PRO B 93 -13.47 13.32 7.02
CA PRO B 93 -12.88 13.12 5.69
C PRO B 93 -11.61 13.94 5.48
N ALA B 94 -10.70 13.42 4.67
CA ALA B 94 -9.43 14.09 4.40
C ALA B 94 -9.66 15.32 3.51
N GLN B 95 -9.04 16.44 3.91
CA GLN B 95 -9.08 17.66 3.11
C GLN B 95 -8.11 17.52 1.93
N PHE B 96 -8.67 17.22 0.76
CA PHE B 96 -7.86 17.02 -0.45
C PHE B 96 -7.25 18.33 -0.93
N SER B 97 -5.96 18.28 -1.27
CA SER B 97 -5.22 19.48 -1.68
C SER B 97 -4.05 19.07 -2.58
N GLU B 98 -3.00 19.89 -2.62
CA GLU B 98 -1.80 19.59 -3.42
C GLU B 98 -1.10 18.31 -2.95
N THR B 99 -1.02 18.13 -1.64
CA THR B 99 -0.28 17.02 -1.04
C THR B 99 -1.17 15.86 -0.58
N VAL B 100 -2.49 16.02 -0.68
CA VAL B 100 -3.43 14.96 -0.29
C VAL B 100 -4.47 14.72 -1.38
N SER B 101 -4.51 13.50 -1.90
CA SER B 101 -5.49 13.09 -2.91
C SER B 101 -5.51 11.56 -3.03
N ALA B 102 -6.44 11.03 -3.82
CA ALA B 102 -6.68 9.58 -3.86
C ALA B 102 -5.91 8.86 -4.97
N VAL B 103 -5.88 7.52 -4.87
CA VAL B 103 -5.35 6.65 -5.91
C VAL B 103 -6.50 5.85 -6.52
N CYS B 104 -6.41 5.52 -7.80
CA CYS B 104 -7.45 4.71 -8.46
C CYS B 104 -7.30 3.25 -8.08
N LEU B 105 -8.42 2.54 -8.04
CA LEU B 105 -8.45 1.10 -7.83
C LEU B 105 -8.77 0.43 -9.17
N PRO B 106 -8.18 -0.76 -9.42
CA PRO B 106 -8.42 -1.45 -10.68
C PRO B 106 -9.74 -2.21 -10.68
N ASN B 107 -10.14 -2.68 -11.86
CA ASN B 107 -11.27 -3.59 -11.97
C ASN B 107 -10.87 -4.98 -11.50
N VAL B 108 -11.85 -5.84 -11.26
CA VAL B 108 -11.60 -7.24 -10.93
C VAL B 108 -10.97 -7.99 -12.10
N ASP B 109 -11.21 -7.50 -13.32
CA ASP B 109 -10.72 -8.12 -14.54
C ASP B 109 -9.38 -7.57 -15.01
N ASP B 110 -8.92 -6.47 -14.42
CA ASP B 110 -7.63 -5.88 -14.79
C ASP B 110 -6.47 -6.78 -14.38
N ASP B 111 -5.35 -6.63 -15.08
CA ASP B 111 -4.16 -7.45 -14.85
C ASP B 111 -2.88 -6.62 -14.93
N PHE B 112 -1.98 -6.87 -13.98
CA PHE B 112 -0.66 -6.25 -13.96
C PHE B 112 0.39 -7.35 -14.14
N PRO B 113 0.70 -7.72 -15.39
CA PRO B 113 1.52 -8.89 -15.65
C PRO B 113 3.00 -8.68 -15.33
N PRO B 114 3.78 -9.79 -15.24
CA PRO B 114 5.21 -9.75 -14.94
C PRO B 114 6.02 -8.87 -15.88
N GLY B 115 6.96 -8.10 -15.34
CA GLY B 115 7.85 -7.26 -16.13
C GLY B 115 7.48 -5.78 -16.15
N THR B 116 6.20 -5.48 -15.92
CA THR B 116 5.73 -4.09 -15.90
C THR B 116 6.30 -3.35 -14.69
N VAL B 117 6.85 -2.17 -14.93
CA VAL B 117 7.51 -1.39 -13.88
C VAL B 117 6.50 -0.63 -13.02
N CYS B 118 6.36 -1.06 -11.77
CA CYS B 118 5.47 -0.42 -10.80
C CYS B 118 6.29 0.31 -9.74
N ALA B 119 5.62 1.05 -8.87
CA ALA B 119 6.28 1.83 -7.82
C ALA B 119 5.75 1.46 -6.44
N THR B 120 6.66 1.42 -5.46
CA THR B 120 6.30 1.19 -4.07
C THR B 120 6.91 2.28 -3.19
N THR B 121 6.16 2.73 -2.19
CA THR B 121 6.58 3.85 -1.34
C THR B 121 6.25 3.61 0.13
N GLY B 122 6.95 4.33 1.01
CA GLY B 122 6.72 4.24 2.44
C GLY B 122 7.95 4.54 3.27
N TRP B 123 7.86 4.26 4.56
CA TRP B 123 8.97 4.45 5.50
C TRP B 123 9.53 3.12 6.02
N GLY B 124 9.34 2.05 5.25
CA GLY B 124 9.95 0.76 5.53
C GLY B 124 9.66 0.10 6.87
N LYS B 125 8.53 0.45 7.48
CA LYS B 125 8.14 -0.13 8.76
C LYS B 125 7.19 -1.31 8.51
N THR B 126 7.69 -2.52 8.80
CA THR B 126 6.92 -3.74 8.57
C THR B 126 6.39 -4.32 9.87
N LYS B 127 5.17 -4.86 9.81
CA LYS B 127 4.52 -5.48 10.96
C LYS B 127 4.88 -6.97 11.02
N TYR B 128 4.86 -7.62 9.84
CA TYR B 128 5.24 -9.02 9.72
C TYR B 128 5.78 -9.32 8.33
N THR C 5 14.79 3.22 10.50
CA THR C 5 14.42 4.67 10.46
C THR C 5 14.75 5.61 9.25
N PRO C 6 14.01 5.47 8.14
CA PRO C 6 13.97 6.51 7.12
C PRO C 6 13.05 7.65 7.55
N GLU C 7 13.60 8.85 7.70
CA GLU C 7 12.80 10.01 8.12
C GLU C 7 11.92 10.52 6.98
N LYS C 8 12.49 10.63 5.78
CA LYS C 8 11.74 11.08 4.60
C LYS C 8 11.04 9.92 3.90
N LEU C 9 10.02 10.25 3.11
CA LEU C 9 9.26 9.25 2.36
C LEU C 9 10.12 8.66 1.24
N GLN C 10 10.30 7.34 1.26
CA GLN C 10 11.13 6.65 0.29
C GLN C 10 10.31 6.13 -0.88
N GLN C 11 10.96 5.93 -2.02
CA GLN C 11 10.33 5.40 -3.22
C GLN C 11 11.26 4.41 -3.92
N ALA C 12 10.68 3.54 -4.75
CA ALA C 12 11.47 2.56 -5.50
C ALA C 12 10.66 1.95 -6.64
N ALA C 13 11.22 2.00 -7.85
CA ALA C 13 10.60 1.40 -9.02
C ALA C 13 10.98 -0.07 -9.09
N LEU C 14 9.97 -0.96 -9.05
CA LEU C 14 10.20 -2.39 -9.12
C LEU C 14 9.24 -3.08 -10.11
N PRO C 15 9.68 -4.19 -10.72
CA PRO C 15 8.84 -4.92 -11.66
C PRO C 15 7.99 -5.99 -10.98
N ILE C 16 6.86 -6.35 -11.61
CA ILE C 16 6.07 -7.48 -11.16
C ILE C 16 6.78 -8.76 -11.62
N VAL C 17 6.69 -9.81 -10.81
CA VAL C 17 7.27 -11.10 -11.15
C VAL C 17 6.19 -12.17 -11.20
N SER C 18 6.39 -13.18 -12.04
CA SER C 18 5.39 -14.21 -12.27
C SER C 18 5.22 -15.13 -11.07
N GLU C 19 4.08 -15.84 -11.03
CA GLU C 19 3.77 -16.76 -9.95
C GLU C 19 4.80 -17.89 -9.88
N ALA C 20 5.20 -18.40 -11.04
CA ALA C 20 6.19 -19.48 -11.13
C ALA C 20 7.55 -19.06 -10.56
N ASP C 21 7.99 -17.85 -10.91
CA ASP C 21 9.25 -17.30 -10.39
C ASP C 21 9.16 -16.98 -8.89
N CYS C 22 7.96 -16.64 -8.43
CA CYS C 22 7.73 -16.39 -7.00
C CYS C 22 7.57 -17.68 -6.22
N LYS C 23 7.04 -18.71 -6.88
CA LYS C 23 6.78 -20.01 -6.24
C LYS C 23 8.09 -20.74 -5.93
N LYS C 24 9.03 -20.71 -6.87
CA LYS C 24 10.36 -21.29 -6.67
C LYS C 24 11.15 -20.57 -5.56
N SER C 25 10.85 -19.30 -5.35
CA SER C 25 11.47 -18.52 -4.28
C SER C 25 10.91 -18.91 -2.91
N TRP C 26 9.58 -19.07 -2.81
CA TRP C 26 8.92 -19.43 -1.56
C TRP C 26 8.44 -20.88 -1.56
N GLY C 27 7.36 -21.16 -2.29
CA GLY C 27 6.78 -22.50 -2.35
C GLY C 27 5.26 -22.48 -2.34
N SER C 28 4.66 -23.34 -1.51
CA SER C 28 3.21 -23.47 -1.42
C SER C 28 2.53 -22.30 -0.69
N LYS C 29 3.32 -21.42 -0.09
CA LYS C 29 2.79 -20.24 0.59
C LYS C 29 2.17 -19.22 -0.37
N ILE C 30 2.64 -19.21 -1.63
CA ILE C 30 2.12 -18.31 -2.64
C ILE C 30 0.85 -18.88 -3.26
N THR C 31 -0.17 -18.04 -3.39
CA THR C 31 -1.46 -18.44 -3.96
C THR C 31 -1.97 -17.41 -4.97
N ASP C 32 -3.11 -17.69 -5.58
CA ASP C 32 -3.67 -16.83 -6.64
C ASP C 32 -4.10 -15.43 -6.19
N VAL C 33 -4.28 -15.21 -4.89
CA VAL C 33 -4.65 -13.90 -4.36
C VAL C 33 -3.43 -13.09 -3.89
N MET C 34 -2.25 -13.41 -4.41
CA MET C 34 -1.01 -12.72 -4.04
C MET C 34 -0.20 -12.34 -5.29
N THR C 35 0.09 -11.05 -5.42
CA THR C 35 0.98 -10.56 -6.48
C THR C 35 2.38 -10.38 -5.92
N CYS C 36 3.38 -10.87 -6.65
CA CYS C 36 4.77 -10.71 -6.27
C CYS C 36 5.44 -9.64 -7.13
N ALA C 37 6.45 -8.97 -6.56
CA ALA C 37 7.18 -7.94 -7.30
C ALA C 37 8.51 -7.62 -6.62
N GLY C 38 9.57 -7.55 -7.41
CA GLY C 38 10.89 -7.19 -6.90
C GLY C 38 12.05 -7.77 -7.67
N ALA C 39 12.84 -6.89 -8.30
CA ALA C 39 14.16 -7.23 -8.81
C ALA C 39 15.12 -6.70 -7.77
N SER C 40 15.40 -7.53 -6.76
CA SER C 40 15.87 -7.04 -5.46
C SER C 40 17.24 -6.37 -5.44
N GLY C 41 17.56 -5.78 -4.29
CA GLY C 41 18.70 -4.89 -4.13
C GLY C 41 18.21 -3.55 -3.62
N VAL C 42 17.47 -3.58 -2.51
CA VAL C 42 16.77 -2.42 -1.95
C VAL C 42 15.76 -1.83 -2.94
N ASP C 43 14.53 -2.34 -2.89
CA ASP C 43 13.44 -1.84 -3.74
C ASP C 43 12.05 -2.07 -3.14
N SER C 44 11.74 -3.31 -2.77
CA SER C 44 10.46 -3.63 -2.13
C SER C 44 10.49 -3.32 -0.63
N CYS C 45 11.70 -3.17 -0.08
CA CYS C 45 11.90 -2.92 1.34
C CYS C 45 11.41 -1.54 1.80
N MET C 46 11.23 -0.62 0.86
CA MET C 46 10.85 0.76 1.19
C MET C 46 9.40 0.85 1.69
N GLY C 47 8.53 -0.02 1.16
CA GLY C 47 7.12 0.01 1.51
C GLY C 47 6.83 -0.50 2.92
N ASP C 48 5.91 0.18 3.61
CA ASP C 48 5.45 -0.27 4.93
C ASP C 48 4.45 -1.39 4.75
N SER C 49 4.17 -2.12 5.84
CA SER C 49 3.10 -3.10 5.84
C SER C 49 1.77 -2.38 5.57
N GLY C 50 1.05 -2.86 4.55
CA GLY C 50 -0.18 -2.21 4.10
C GLY C 50 0.05 -1.05 3.15
N GLY C 51 1.31 -0.84 2.75
CA GLY C 51 1.67 0.25 1.83
C GLY C 51 1.30 -0.05 0.40
N PRO C 52 1.40 0.97 -0.48
CA PRO C 52 0.98 0.85 -1.88
C PRO C 52 2.00 0.17 -2.79
N LEU C 53 1.49 -0.65 -3.71
CA LEU C 53 2.23 -1.09 -4.89
C LEU C 53 1.44 -0.56 -6.09
N VAL C 54 1.91 0.54 -6.66
CA VAL C 54 1.15 1.28 -7.68
C VAL C 54 1.75 1.15 -9.08
N CYS C 55 0.88 0.88 -10.06
CA CYS C 55 1.30 0.71 -11.46
C CYS C 55 0.52 1.66 -12.36
N GLN C 56 1.19 2.18 -13.39
CA GLN C 56 0.55 3.09 -14.35
C GLN C 56 -0.32 2.32 -15.33
N LYS C 57 -1.64 2.35 -15.10
CA LYS C 57 -2.60 1.74 -16.02
C LYS C 57 -3.25 2.85 -16.87
N ASP C 58 -2.84 2.92 -18.13
CA ASP C 58 -3.31 3.95 -19.06
C ASP C 58 -3.10 5.37 -18.53
N GLY C 59 -1.86 5.66 -18.14
CA GLY C 59 -1.47 7.01 -17.71
C GLY C 59 -2.06 7.47 -16.39
N VAL C 60 -2.31 6.52 -15.48
CA VAL C 60 -2.81 6.85 -14.15
C VAL C 60 -2.41 5.78 -13.14
N TRP C 61 -2.00 6.21 -11.95
CA TRP C 61 -1.49 5.30 -10.92
C TRP C 61 -2.63 4.49 -10.30
N THR C 62 -2.54 3.17 -10.46
CA THR C 62 -3.56 2.24 -9.96
C THR C 62 -2.97 1.31 -8.91
N LEU C 63 -3.74 1.03 -7.86
CA LEU C 63 -3.28 0.20 -6.76
C LEU C 63 -3.33 -1.28 -7.14
N ALA C 64 -2.19 -1.82 -7.57
CA ALA C 64 -2.08 -3.22 -7.98
C ALA C 64 -1.94 -4.15 -6.80
N GLY C 65 -1.17 -3.74 -5.78
CA GLY C 65 -0.91 -4.58 -4.62
C GLY C 65 -0.82 -3.83 -3.31
N ILE C 66 -0.95 -4.59 -2.21
CA ILE C 66 -0.81 -4.07 -0.86
C ILE C 66 0.23 -4.91 -0.13
N VAL C 67 1.24 -4.26 0.45
CA VAL C 67 2.35 -4.97 1.10
C VAL C 67 1.83 -5.95 2.16
N SER C 68 2.15 -7.23 1.98
CA SER C 68 1.68 -8.29 2.86
C SER C 68 2.85 -8.89 3.66
N TRP C 69 3.84 -9.43 2.94
CA TRP C 69 5.03 -10.01 3.57
C TRP C 69 6.14 -10.21 2.54
N GLY C 70 7.33 -10.57 3.02
CA GLY C 70 8.49 -10.79 2.14
C GLY C 70 9.43 -9.60 2.07
N SER C 71 8.90 -8.41 2.34
CA SER C 71 9.70 -7.18 2.32
C SER C 71 10.06 -6.73 3.73
N GLY C 72 10.44 -7.69 4.58
CA GLY C 72 10.77 -7.41 5.98
C GLY C 72 12.09 -6.69 6.13
N VAL C 73 13.13 -7.23 5.48
CA VAL C 73 14.46 -6.63 5.51
C VAL C 73 14.95 -6.35 4.10
N CYS C 74 15.71 -5.26 3.95
CA CYS C 74 16.26 -4.86 2.65
C CYS C 74 17.40 -5.76 2.19
N SER C 75 18.03 -6.46 3.14
CA SER C 75 19.16 -7.34 2.85
C SER C 75 18.77 -8.59 2.06
N THR C 76 17.61 -9.16 2.37
CA THR C 76 17.13 -10.37 1.69
C THR C 76 16.70 -10.05 0.26
N SER C 77 17.10 -10.91 -0.68
CA SER C 77 16.93 -10.64 -2.12
C SER C 77 15.78 -11.42 -2.76
N THR C 78 14.92 -12.04 -1.95
CA THR C 78 13.75 -12.77 -2.46
C THR C 78 12.65 -11.79 -2.83
N PRO C 79 11.69 -12.23 -3.69
CA PRO C 79 10.59 -11.33 -4.09
C PRO C 79 9.69 -10.94 -2.92
N GLY C 80 9.15 -9.72 -2.98
CA GLY C 80 8.20 -9.24 -1.98
C GLY C 80 6.78 -9.63 -2.35
N VAL C 81 6.05 -10.19 -1.38
CA VAL C 81 4.67 -10.65 -1.63
C VAL C 81 3.67 -9.55 -1.28
N TYR C 82 2.79 -9.23 -2.23
CA TYR C 82 1.75 -8.23 -2.03
C TYR C 82 0.38 -8.87 -2.20
N SER C 83 -0.63 -8.27 -1.56
CA SER C 83 -2.01 -8.73 -1.69
C SER C 83 -2.56 -8.32 -3.05
N ARG C 84 -2.89 -9.30 -3.89
CA ARG C 84 -3.45 -9.03 -5.22
C ARG C 84 -4.78 -8.32 -5.09
N VAL C 85 -4.79 -7.02 -5.36
CA VAL C 85 -5.97 -6.17 -5.16
C VAL C 85 -7.11 -6.54 -6.11
N THR C 86 -6.78 -6.78 -7.38
CA THR C 86 -7.77 -7.17 -8.39
C THR C 86 -8.60 -8.38 -7.97
N ALA C 87 -7.94 -9.36 -7.34
CA ALA C 87 -8.62 -10.55 -6.82
C ALA C 87 -9.50 -10.23 -5.62
N LEU C 88 -9.13 -9.20 -4.86
CA LEU C 88 -9.87 -8.77 -3.67
C LEU C 88 -10.87 -7.65 -3.95
N MET C 89 -10.97 -7.20 -5.20
CA MET C 89 -11.89 -6.11 -5.57
C MET C 89 -13.38 -6.46 -5.36
N PRO C 90 -13.79 -7.70 -5.67
CA PRO C 90 -15.17 -8.10 -5.38
C PRO C 90 -15.59 -7.84 -3.92
N TRP C 91 -14.70 -8.19 -2.98
CA TRP C 91 -14.93 -7.92 -1.57
C TRP C 91 -14.91 -6.41 -1.27
N VAL C 92 -14.00 -5.69 -1.94
CA VAL C 92 -13.87 -4.24 -1.75
C VAL C 92 -15.12 -3.50 -2.23
N GLN C 93 -15.62 -3.87 -3.40
CA GLN C 93 -16.81 -3.23 -3.97
C GLN C 93 -18.08 -3.45 -3.14
N GLN C 94 -18.14 -4.57 -2.42
CA GLN C 94 -19.30 -4.90 -1.60
C GLN C 94 -19.51 -3.94 -0.43
N ILE C 95 -18.43 -3.43 0.15
CA ILE C 95 -18.52 -2.50 1.28
C ILE C 95 -18.54 -1.03 0.85
N LEU C 96 -17.93 -0.72 -0.30
CA LEU C 96 -17.89 0.65 -0.81
C LEU C 96 -19.24 1.12 -1.37
N GLU C 97 -20.12 0.18 -1.68
CA GLU C 97 -21.50 0.50 -2.10
C GLU C 97 -22.48 0.21 -0.97
#